data_7OIY
#
_entry.id   7OIY
#
_cell.length_a   88.235
_cell.length_b   88.235
_cell.length_c   111.011
_cell.angle_alpha   90.000
_cell.angle_beta   90.000
_cell.angle_gamma   90.000
#
_symmetry.space_group_name_H-M   'P 41'
#
loop_
_entity.id
_entity.type
_entity.pdbx_description
1 polymer 'Ubiquitin carboxyl-terminal hydrolase mug105'
2 non-polymer 'SODIUM ION'
3 water water
#
_entity_poly.entity_id   1
_entity_poly.type   'polypeptide(L)'
_entity_poly.pdbx_seq_one_letter_code
;MSKCLQQLKRQLQHFGIDGCSLADGDIDYFFTVTGIDRGWGCGWRNIQMLISWLQYTNPNWFKRNFSSGNYEINSLQSLL
LSAWMKGIDAEGYAQLGDNLHGKWIGATEVYSLFTGLFVNVALVDFDFRSEASASNALFLYVKKHFESSNDTSNVSPCYL
QFQGHSIIIIGFCSSLETLVVLDPDRYQSVQKKFVNIADFNHCYMRKKRSLKFSQFQLVHFKQNIFLNDFSSKLEVRSTR
ISDF
;
_entity_poly.pdbx_strand_id   A,B
#
# COMPACT_ATOMS: atom_id res chain seq x y z
N MET A 1 3.82 6.67 3.03
CA MET A 1 3.38 6.85 1.65
C MET A 1 3.50 5.54 0.87
N SER A 2 2.35 4.97 0.50
CA SER A 2 2.33 3.67 -0.16
C SER A 2 2.51 3.81 -1.67
N LYS A 3 3.19 2.84 -2.27
CA LYS A 3 3.41 2.77 -3.71
C LYS A 3 3.87 4.12 -4.28
N CYS A 4 5.06 4.53 -3.82
N CYS A 4 5.08 4.51 -3.87
CA CYS A 4 5.59 5.84 -4.17
CA CYS A 4 5.57 5.85 -4.15
C CYS A 4 5.96 5.93 -5.63
C CYS A 4 6.47 5.94 -5.38
N LEU A 5 6.57 4.88 -6.18
CA LEU A 5 7.26 4.98 -7.45
C LEU A 5 6.34 5.47 -8.56
N GLN A 6 5.08 5.06 -8.53
CA GLN A 6 4.13 5.54 -9.54
C GLN A 6 3.95 7.04 -9.46
N GLN A 7 3.78 7.58 -8.25
CA GLN A 7 3.59 9.02 -8.10
C GLN A 7 4.88 9.77 -8.36
N LEU A 8 6.02 9.21 -7.96
CA LEU A 8 7.28 9.89 -8.18
C LEU A 8 7.61 10.01 -9.66
N LYS A 9 7.28 8.97 -10.45
CA LYS A 9 7.45 9.04 -11.89
C LYS A 9 6.63 10.16 -12.49
N ARG A 10 5.41 10.38 -11.97
CA ARG A 10 4.58 11.47 -12.46
C ARG A 10 5.19 12.82 -12.11
N GLN A 11 5.75 12.95 -10.90
CA GLN A 11 6.36 14.23 -10.50
C GLN A 11 7.60 14.51 -11.32
N LEU A 12 8.40 13.49 -11.61
CA LEU A 12 9.57 13.66 -12.47
C LEU A 12 9.17 14.13 -13.85
N GLN A 13 8.09 13.55 -14.39
CA GLN A 13 7.58 13.99 -15.69
C GLN A 13 7.02 15.40 -15.62
N HIS A 14 6.32 15.72 -14.53
CA HIS A 14 5.74 17.06 -14.38
C HIS A 14 6.81 18.14 -14.40
N PHE A 15 7.91 17.92 -13.67
CA PHE A 15 9.00 18.88 -13.60
C PHE A 15 9.98 18.78 -14.76
N GLY A 16 9.73 17.88 -15.72
CA GLY A 16 10.59 17.76 -16.87
C GLY A 16 11.98 17.25 -16.57
N ILE A 17 12.11 16.37 -15.58
CA ILE A 17 13.41 15.80 -15.21
C ILE A 17 13.56 14.50 -16.00
N ASP A 18 14.39 14.54 -17.03
CA ASP A 18 14.57 13.43 -17.95
C ASP A 18 15.73 12.55 -17.53
N GLY A 19 15.81 11.38 -18.15
CA GLY A 19 16.95 10.49 -17.93
C GLY A 19 16.92 9.74 -16.62
N CYS A 20 15.74 9.53 -16.03
CA CYS A 20 15.62 8.82 -14.77
C CYS A 20 15.32 7.34 -15.01
N SER A 21 16.07 6.48 -14.32
CA SER A 21 15.81 5.05 -14.29
C SER A 21 15.61 4.64 -12.84
N LEU A 22 14.43 4.13 -12.53
CA LEU A 22 14.09 3.77 -11.16
C LEU A 22 14.07 2.25 -11.01
N ALA A 23 14.01 1.81 -9.76
CA ALA A 23 13.86 0.40 -9.46
C ALA A 23 12.59 -0.17 -10.09
N ASP A 24 12.60 -1.47 -10.32
CA ASP A 24 11.39 -2.16 -10.78
C ASP A 24 10.39 -2.27 -9.63
N GLY A 25 9.18 -2.71 -9.98
CA GLY A 25 8.16 -2.90 -8.96
C GLY A 25 7.73 -1.58 -8.34
N ASP A 26 7.54 -1.60 -7.03
CA ASP A 26 7.15 -0.40 -6.28
C ASP A 26 7.73 -0.50 -4.88
N ILE A 27 7.41 0.50 -4.05
CA ILE A 27 8.02 0.61 -2.73
C ILE A 27 7.17 1.54 -1.89
N ASP A 28 7.20 1.34 -0.57
CA ASP A 28 6.56 2.24 0.38
C ASP A 28 7.63 3.10 1.05
N TYR A 29 7.25 4.32 1.41
CA TYR A 29 8.16 5.22 2.12
C TYR A 29 7.93 5.10 3.62
N PHE A 30 9.00 4.86 4.36
CA PHE A 30 8.98 4.84 5.82
C PHE A 30 9.92 5.91 6.33
N PHE A 31 9.54 6.55 7.45
CA PHE A 31 10.28 7.69 7.95
C PHE A 31 10.36 7.64 9.47
N THR A 32 11.38 8.29 10.00
CA THR A 32 11.52 8.50 11.43
C THR A 32 10.72 9.73 11.87
N VAL A 33 10.40 9.77 13.16
CA VAL A 33 9.65 10.88 13.75
C VAL A 33 10.51 11.49 14.86
N THR A 34 10.70 12.81 14.80
CA THR A 34 11.59 13.49 15.73
C THR A 34 11.09 13.34 17.16
N GLY A 35 12.00 13.01 18.07
CA GLY A 35 11.64 12.73 19.44
C GLY A 35 11.03 11.37 19.67
N ILE A 36 11.17 10.44 18.73
CA ILE A 36 10.64 9.09 18.88
C ILE A 36 11.71 8.09 18.45
N ASP A 37 12.00 8.03 17.15
CA ASP A 37 13.06 7.19 16.63
C ASP A 37 13.99 7.94 15.69
N ARG A 38 13.87 9.26 15.62
CA ARG A 38 14.83 10.05 14.86
C ARG A 38 16.20 9.95 15.50
N GLY A 39 17.23 9.80 14.67
CA GLY A 39 18.58 9.68 15.16
C GLY A 39 19.07 8.26 15.36
N TRP A 40 18.19 7.26 15.31
CA TRP A 40 18.64 5.88 15.40
C TRP A 40 17.75 4.99 14.53
N GLY A 41 16.60 5.52 14.12
CA GLY A 41 15.67 4.71 13.37
C GLY A 41 15.91 4.62 11.88
N CYS A 42 16.83 5.44 11.34
CA CYS A 42 16.97 5.52 9.88
C CYS A 42 17.26 4.17 9.26
N GLY A 43 18.23 3.43 9.82
CA GLY A 43 18.56 2.12 9.27
C GLY A 43 17.38 1.17 9.30
N TRP A 44 16.61 1.17 10.40
CA TRP A 44 15.44 0.31 10.51
C TRP A 44 14.37 0.70 9.51
N ARG A 45 14.15 2.00 9.33
CA ARG A 45 13.16 2.46 8.35
C ARG A 45 13.60 2.08 6.93
N ASN A 46 14.90 2.12 6.65
CA ASN A 46 15.38 1.74 5.33
C ASN A 46 15.19 0.25 5.08
N ILE A 47 15.36 -0.58 6.12
CA ILE A 47 15.05 -2.00 5.99
C ILE A 47 13.56 -2.19 5.70
N GLN A 48 12.70 -1.40 6.36
CA GLN A 48 11.27 -1.50 6.10
C GLN A 48 10.96 -1.20 4.64
N MET A 49 11.59 -0.17 4.07
CA MET A 49 11.35 0.15 2.66
C MET A 49 11.78 -0.99 1.75
N LEU A 50 12.95 -1.58 2.03
CA LEU A 50 13.41 -2.71 1.23
C LEU A 50 12.46 -3.89 1.34
N ILE A 51 11.88 -4.11 2.52
CA ILE A 51 10.91 -5.18 2.68
C ILE A 51 9.68 -4.92 1.83
N SER A 52 9.21 -3.66 1.80
CA SER A 52 8.04 -3.33 0.99
C SER A 52 8.31 -3.60 -0.50
N TRP A 53 9.54 -3.34 -0.95
CA TRP A 53 9.89 -3.65 -2.34
C TRP A 53 9.78 -5.15 -2.61
N LEU A 54 10.34 -5.95 -1.71
CA LEU A 54 10.19 -7.40 -1.83
C LEU A 54 8.73 -7.83 -1.76
N GLN A 55 7.94 -7.13 -0.94
CA GLN A 55 6.52 -7.45 -0.83
C GLN A 55 5.80 -7.26 -2.15
N TYR A 56 6.07 -6.15 -2.85
CA TYR A 56 5.40 -5.92 -4.12
C TYR A 56 5.91 -6.85 -5.22
N THR A 57 7.18 -7.25 -5.15
CA THR A 57 7.77 -8.03 -6.24
C THR A 57 7.60 -9.54 -6.08
N ASN A 58 7.60 -10.06 -4.84
CA ASN A 58 7.29 -11.47 -4.61
C ASN A 58 6.35 -11.59 -3.42
N PRO A 59 5.04 -11.58 -3.67
CA PRO A 59 4.09 -11.77 -2.57
C PRO A 59 4.24 -13.11 -1.86
N ASN A 60 4.64 -14.17 -2.56
CA ASN A 60 4.78 -15.48 -1.92
C ASN A 60 5.90 -15.46 -0.88
N TRP A 61 7.05 -14.87 -1.21
CA TRP A 61 8.10 -14.70 -0.22
C TRP A 61 7.59 -13.91 0.99
N PHE A 62 6.78 -12.87 0.73
CA PHE A 62 6.31 -12.03 1.82
C PHE A 62 5.35 -12.77 2.74
N LYS A 63 4.39 -13.50 2.16
CA LYS A 63 3.45 -14.27 2.98
C LYS A 63 4.19 -15.30 3.83
N ARG A 64 5.24 -15.90 3.28
CA ARG A 64 5.98 -16.94 3.98
C ARG A 64 6.73 -16.38 5.19
N ASN A 65 7.22 -15.14 5.10
CA ASN A 65 8.02 -14.57 6.17
C ASN A 65 7.22 -13.67 7.11
N PHE A 66 6.16 -13.01 6.64
CA PHE A 66 5.36 -12.08 7.44
C PHE A 66 3.91 -12.52 7.35
N SER A 67 3.54 -13.52 8.17
CA SER A 67 2.22 -14.13 8.04
C SER A 67 1.09 -13.16 8.32
N SER A 68 1.32 -12.16 9.17
CA SER A 68 0.29 -11.16 9.47
C SER A 68 0.54 -9.84 8.75
N GLY A 69 1.51 -9.81 7.83
CA GLY A 69 1.85 -8.56 7.16
C GLY A 69 2.49 -7.53 8.04
N ASN A 70 3.04 -7.94 9.18
CA ASN A 70 3.58 -7.02 10.18
C ASN A 70 5.10 -7.04 10.08
N TYR A 71 5.68 -5.94 9.62
CA TYR A 71 7.12 -5.74 9.74
C TYR A 71 7.40 -4.38 10.37
N GLU A 72 6.71 -4.11 11.47
CA GLU A 72 7.08 -3.01 12.35
C GLU A 72 8.48 -3.28 12.92
N ILE A 73 9.08 -2.23 13.49
CA ILE A 73 10.47 -2.35 13.95
C ILE A 73 10.64 -3.49 14.94
N ASN A 74 9.61 -3.79 15.74
CA ASN A 74 9.74 -4.89 16.70
C ASN A 74 9.89 -6.23 15.98
N SER A 75 9.19 -6.43 14.87
CA SER A 75 9.41 -7.62 14.07
C SER A 75 10.84 -7.67 13.54
N LEU A 76 11.40 -6.52 13.17
CA LEU A 76 12.76 -6.50 12.64
C LEU A 76 13.80 -6.84 13.70
N GLN A 77 13.55 -6.50 14.97
CA GLN A 77 14.48 -6.89 16.02
C GLN A 77 14.59 -8.40 16.12
N SER A 78 13.46 -9.10 16.01
CA SER A 78 13.49 -10.55 16.04
C SER A 78 14.26 -11.12 14.86
N LEU A 79 14.07 -10.54 13.68
CA LEU A 79 14.74 -11.06 12.48
C LEU A 79 16.24 -10.81 12.53
N LEU A 80 16.66 -9.67 13.07
CA LEU A 80 18.09 -9.39 13.19
C LEU A 80 18.74 -10.35 14.19
N LEU A 81 18.12 -10.51 15.36
CA LEU A 81 18.65 -11.45 16.34
C LEU A 81 18.65 -12.88 15.79
N SER A 82 17.58 -13.25 15.10
CA SER A 82 17.50 -14.59 14.51
C SER A 82 18.65 -14.85 13.54
N ALA A 83 19.00 -13.85 12.73
CA ALA A 83 20.10 -13.99 11.79
C ALA A 83 21.43 -14.18 12.51
N TRP A 84 21.66 -13.39 13.56
CA TRP A 84 22.87 -13.57 14.37
C TRP A 84 22.92 -14.95 14.99
N MET A 85 21.79 -15.43 15.54
CA MET A 85 21.77 -16.73 16.17
C MET A 85 22.04 -17.85 15.17
N LYS A 86 21.72 -17.63 13.90
CA LYS A 86 21.99 -18.60 12.85
C LYS A 86 23.40 -18.50 12.30
N GLY A 87 24.28 -17.73 12.94
CA GLY A 87 25.67 -17.67 12.54
C GLY A 87 26.00 -16.66 11.47
N ILE A 88 25.04 -15.86 11.03
CA ILE A 88 25.31 -14.83 10.03
C ILE A 88 26.03 -13.65 10.70
N ASP A 89 27.03 -13.11 10.00
CA ASP A 89 27.95 -12.10 10.52
C ASP A 89 28.82 -12.71 11.62
N ALA A 90 30.08 -12.99 11.28
CA ALA A 90 31.01 -13.58 12.24
C ALA A 90 31.08 -12.78 13.53
N GLU A 91 31.05 -11.45 13.43
CA GLU A 91 31.11 -10.56 14.58
C GLU A 91 29.74 -10.23 15.16
N GLY A 92 28.69 -10.96 14.75
CA GLY A 92 27.36 -10.68 15.26
C GLY A 92 27.22 -10.95 16.73
N TYR A 93 28.03 -11.85 17.28
CA TYR A 93 28.01 -12.13 18.71
C TYR A 93 28.37 -10.91 19.55
N ALA A 94 29.09 -9.94 18.97
CA ALA A 94 29.47 -8.74 19.70
C ALA A 94 28.28 -7.85 20.04
N GLN A 95 27.14 -8.07 19.40
CA GLN A 95 25.94 -7.30 19.70
C GLN A 95 24.89 -8.12 20.43
N LEU A 96 25.13 -9.40 20.69
CA LEU A 96 24.26 -10.18 21.55
C LEU A 96 24.33 -9.63 22.97
N GLY A 97 23.16 -9.44 23.58
CA GLY A 97 23.08 -8.85 24.91
C GLY A 97 22.72 -7.38 24.93
N ASP A 98 22.79 -6.71 23.79
CA ASP A 98 22.40 -5.31 23.73
C ASP A 98 20.88 -5.18 23.68
N ASN A 99 20.39 -3.99 24.05
CA ASN A 99 19.02 -3.62 23.73
C ASN A 99 18.92 -3.37 22.23
N LEU A 100 18.02 -4.10 21.56
CA LEU A 100 17.84 -3.84 20.13
C LEU A 100 16.97 -2.61 19.87
N HIS A 101 16.14 -2.21 20.82
CA HIS A 101 15.41 -0.97 20.68
C HIS A 101 16.33 0.21 20.94
N GLY A 102 16.30 1.20 20.04
CA GLY A 102 17.19 2.33 20.12
C GLY A 102 18.57 2.10 19.53
N LYS A 103 18.82 0.92 18.98
CA LYS A 103 20.15 0.60 18.48
C LYS A 103 20.34 1.11 17.05
N TRP A 104 21.39 1.87 16.83
N TRP A 104 21.39 1.89 16.84
CA TRP A 104 21.76 2.25 15.48
CA TRP A 104 21.82 2.24 15.50
C TRP A 104 22.31 1.04 14.74
C TRP A 104 22.25 0.97 14.77
N ILE A 105 21.83 0.83 13.51
CA ILE A 105 22.25 -0.29 12.69
C ILE A 105 22.79 0.24 11.36
N GLY A 106 23.60 -0.60 10.72
CA GLY A 106 24.26 -0.22 9.49
C GLY A 106 24.15 -1.26 8.40
N ALA A 107 25.00 -1.14 7.38
CA ALA A 107 24.89 -2.02 6.22
C ALA A 107 25.11 -3.49 6.59
N THR A 108 25.96 -3.75 7.57
CA THR A 108 26.19 -5.14 7.99
C THR A 108 24.92 -5.75 8.57
N GLU A 109 24.17 -4.99 9.35
CA GLU A 109 22.91 -5.50 9.89
C GLU A 109 21.88 -5.67 8.78
N VAL A 110 21.87 -4.75 7.82
CA VAL A 110 20.99 -4.89 6.67
C VAL A 110 21.30 -6.19 5.92
N TYR A 111 22.59 -6.44 5.68
CA TYR A 111 22.98 -7.69 5.04
C TYR A 111 22.54 -8.89 5.87
N SER A 112 22.80 -8.85 7.18
CA SER A 112 22.53 -10.00 8.03
C SER A 112 21.04 -10.34 8.06
N LEU A 113 20.20 -9.33 8.23
CA LEU A 113 18.76 -9.58 8.34
C LEU A 113 18.21 -10.19 7.06
N PHE A 114 18.55 -9.59 5.90
CA PHE A 114 17.98 -10.09 4.65
C PHE A 114 18.60 -11.43 4.26
N THR A 115 19.87 -11.66 4.61
CA THR A 115 20.45 -12.98 4.37
C THR A 115 19.70 -14.05 5.16
N GLY A 116 19.31 -13.74 6.40
CA GLY A 116 18.52 -14.66 7.18
C GLY A 116 17.13 -14.92 6.62
N LEU A 117 16.62 -14.00 5.81
CA LEU A 117 15.36 -14.18 5.10
C LEU A 117 15.55 -14.84 3.74
N PHE A 118 16.73 -15.42 3.50
CA PHE A 118 17.04 -16.09 2.23
C PHE A 118 16.98 -15.12 1.05
N VAL A 119 17.43 -13.89 1.27
CA VAL A 119 17.56 -12.92 0.20
C VAL A 119 19.03 -12.82 -0.18
N ASN A 120 19.29 -12.78 -1.49
CA ASN A 120 20.66 -12.77 -2.03
C ASN A 120 21.12 -11.32 -2.07
N VAL A 121 22.00 -10.96 -1.14
CA VAL A 121 22.34 -9.57 -0.88
C VAL A 121 23.75 -9.30 -1.40
N ALA A 122 23.90 -8.17 -2.10
CA ALA A 122 25.19 -7.68 -2.54
C ALA A 122 25.63 -6.52 -1.65
N LEU A 123 26.90 -6.51 -1.26
CA LEU A 123 27.45 -5.45 -0.43
C LEU A 123 28.71 -4.91 -1.11
N VAL A 124 28.73 -3.60 -1.36
CA VAL A 124 29.84 -2.93 -2.03
C VAL A 124 30.38 -1.85 -1.11
N ASP A 125 31.70 -1.87 -0.91
CA ASP A 125 32.39 -0.94 -0.02
C ASP A 125 33.21 0.03 -0.85
N PHE A 126 32.85 1.31 -0.81
CA PHE A 126 33.62 2.36 -1.47
C PHE A 126 34.52 3.04 -0.43
N ASP A 127 35.83 2.96 -0.63
CA ASP A 127 36.80 3.37 0.37
C ASP A 127 37.93 4.15 -0.30
N PHE A 128 37.88 5.48 -0.24
CA PHE A 128 38.79 6.30 -1.03
C PHE A 128 39.57 7.29 -0.17
N ARG A 129 40.73 7.69 -0.68
CA ARG A 129 41.45 8.83 -0.14
C ARG A 129 40.86 10.14 -0.66
N SER A 130 40.46 10.13 -1.93
CA SER A 130 39.89 11.31 -2.58
C SER A 130 38.37 11.31 -2.42
N GLU A 131 37.84 12.42 -1.91
CA GLU A 131 36.39 12.54 -1.78
C GLU A 131 35.72 12.57 -3.15
N ALA A 132 36.31 13.28 -4.11
CA ALA A 132 35.75 13.34 -5.46
C ALA A 132 35.73 11.97 -6.11
N SER A 133 36.80 11.18 -5.91
CA SER A 133 36.86 9.84 -6.49
C SER A 133 35.80 8.93 -5.90
N ALA A 134 35.52 9.06 -4.60
CA ALA A 134 34.53 8.18 -3.97
C ALA A 134 33.15 8.38 -4.58
N SER A 135 32.71 9.63 -4.71
CA SER A 135 31.39 9.88 -5.29
C SER A 135 31.36 9.54 -6.77
N ASN A 136 32.48 9.71 -7.47
CA ASN A 136 32.52 9.34 -8.88
C ASN A 136 32.29 7.84 -9.06
N ALA A 137 33.02 7.02 -8.30
CA ALA A 137 32.85 5.57 -8.41
C ALA A 137 31.47 5.13 -7.94
N LEU A 138 30.97 5.72 -6.85
CA LEU A 138 29.65 5.36 -6.34
C LEU A 138 28.57 5.70 -7.36
N PHE A 139 28.58 6.94 -7.86
CA PHE A 139 27.53 7.37 -8.77
C PHE A 139 27.54 6.56 -10.06
N LEU A 140 28.73 6.22 -10.56
CA LEU A 140 28.79 5.42 -11.78
C LEU A 140 28.24 4.03 -11.56
N TYR A 141 28.58 3.39 -10.43
CA TYR A 141 28.05 2.07 -10.13
C TYR A 141 26.54 2.10 -9.98
N VAL A 142 26.01 3.08 -9.26
CA VAL A 142 24.57 3.17 -9.06
C VAL A 142 23.87 3.43 -10.38
N LYS A 143 24.43 4.33 -11.20
CA LYS A 143 23.88 4.61 -12.52
C LYS A 143 23.78 3.33 -13.34
N LYS A 144 24.84 2.53 -13.34
CA LYS A 144 24.81 1.27 -14.10
C LYS A 144 23.84 0.27 -13.47
N HIS A 145 23.63 0.34 -12.16
CA HIS A 145 22.72 -0.59 -11.49
C HIS A 145 21.29 -0.39 -11.98
N PHE A 146 20.87 0.86 -12.14
CA PHE A 146 19.49 1.15 -12.51
C PHE A 146 19.26 1.19 -14.02
N GLU A 147 20.32 1.21 -14.83
CA GLU A 147 20.15 1.13 -16.28
C GLU A 147 19.67 -0.25 -16.67
N SER A 148 18.59 -0.30 -17.45
CA SER A 148 18.00 -1.55 -17.87
C SER A 148 17.23 -1.31 -19.17
N SER A 149 17.58 -2.05 -20.22
CA SER A 149 16.88 -1.90 -21.49
C SER A 149 15.75 -2.90 -21.65
N ASN A 150 15.87 -4.08 -21.04
CA ASN A 150 14.87 -5.12 -21.16
C ASN A 150 13.84 -5.01 -20.03
N ASP A 151 12.66 -5.57 -20.27
CA ASP A 151 11.59 -5.54 -19.28
C ASP A 151 11.90 -6.55 -18.17
N THR A 152 12.21 -6.03 -16.98
CA THR A 152 12.62 -6.85 -15.85
C THR A 152 11.79 -6.48 -14.63
N SER A 153 11.94 -7.29 -13.57
CA SER A 153 11.32 -7.01 -12.29
C SER A 153 12.28 -7.27 -11.13
N ASN A 154 13.59 -7.23 -11.39
CA ASN A 154 14.59 -7.60 -10.39
C ASN A 154 15.60 -6.50 -10.14
N VAL A 155 15.41 -5.31 -10.69
CA VAL A 155 16.26 -4.17 -10.37
C VAL A 155 15.79 -3.60 -9.04
N SER A 156 16.58 -3.80 -7.99
CA SER A 156 16.15 -3.47 -6.64
C SER A 156 16.60 -2.06 -6.26
N PRO A 157 15.98 -1.47 -5.23
CA PRO A 157 16.55 -0.27 -4.63
C PRO A 157 17.87 -0.58 -3.96
N CYS A 158 18.57 0.47 -3.57
CA CYS A 158 19.84 0.35 -2.87
C CYS A 158 19.73 1.00 -1.50
N TYR A 159 20.43 0.41 -0.54
CA TYR A 159 20.67 1.03 0.77
C TYR A 159 22.05 1.66 0.72
N LEU A 160 22.13 2.96 1.00
CA LEU A 160 23.39 3.70 0.98
C LEU A 160 23.72 4.19 2.38
N GLN A 161 24.92 3.86 2.85
CA GLN A 161 25.36 4.24 4.18
C GLN A 161 26.56 5.16 4.10
N PHE A 162 26.53 6.24 4.88
CA PHE A 162 27.65 7.15 5.02
C PHE A 162 27.58 7.82 6.40
N GLN A 163 28.72 7.90 7.07
CA GLN A 163 28.88 8.66 8.31
C GLN A 163 27.74 8.44 9.30
N GLY A 164 27.26 7.20 9.43
CA GLY A 164 26.22 6.89 10.38
C GLY A 164 24.81 7.11 9.91
N HIS A 165 24.61 7.94 8.89
CA HIS A 165 23.31 8.12 8.27
C HIS A 165 23.15 7.16 7.10
N SER A 166 21.89 6.86 6.76
CA SER A 166 21.60 5.98 5.64
C SER A 166 20.32 6.41 4.96
N ILE A 167 20.24 6.13 3.65
CA ILE A 167 19.06 6.44 2.84
C ILE A 167 18.84 5.28 1.86
N ILE A 168 17.67 5.28 1.24
CA ILE A 168 17.34 4.33 0.18
C ILE A 168 17.50 5.04 -1.16
N ILE A 169 18.25 4.44 -2.07
CA ILE A 169 18.36 4.91 -3.45
C ILE A 169 17.35 4.13 -4.28
N ILE A 170 16.39 4.84 -4.87
CA ILE A 170 15.36 4.20 -5.69
C ILE A 170 15.57 4.42 -7.17
N GLY A 171 16.62 5.15 -7.56
CA GLY A 171 16.88 5.35 -8.98
C GLY A 171 18.04 6.29 -9.17
N PHE A 172 18.33 6.55 -10.46
CA PHE A 172 19.40 7.45 -10.85
C PHE A 172 18.91 8.35 -11.97
N CYS A 173 19.28 9.62 -11.89
CA CYS A 173 18.91 10.62 -12.89
C CYS A 173 20.15 10.99 -13.67
N SER A 174 20.19 10.60 -14.94
CA SER A 174 21.39 10.82 -15.75
C SER A 174 21.48 12.23 -16.31
N SER A 175 20.36 12.95 -16.38
CA SER A 175 20.45 14.34 -16.86
C SER A 175 21.10 15.24 -15.82
N LEU A 176 20.95 14.91 -14.54
CA LEU A 176 21.58 15.66 -13.45
C LEU A 176 22.72 14.91 -12.78
N GLU A 177 22.93 13.62 -13.09
CA GLU A 177 23.88 12.78 -12.38
C GLU A 177 23.62 12.83 -10.87
N THR A 178 22.38 12.55 -10.50
CA THR A 178 21.96 12.60 -9.11
C THR A 178 21.35 11.26 -8.73
N LEU A 179 21.48 10.92 -7.46
CA LEU A 179 20.73 9.81 -6.91
C LEU A 179 19.28 10.24 -6.68
N VAL A 180 18.35 9.35 -7.01
CA VAL A 180 16.95 9.51 -6.63
C VAL A 180 16.76 8.71 -5.35
N VAL A 181 16.37 9.38 -4.27
CA VAL A 181 16.48 8.78 -2.94
C VAL A 181 15.18 8.92 -2.17
N LEU A 182 15.02 8.01 -1.21
CA LEU A 182 14.00 8.10 -0.16
C LEU A 182 14.74 8.22 1.16
N ASP A 183 14.71 9.40 1.76
CA ASP A 183 15.42 9.66 3.01
C ASP A 183 14.46 9.59 4.17
N PRO A 184 14.62 8.64 5.09
CA PRO A 184 13.65 8.52 6.19
C PRO A 184 13.71 9.66 7.20
N ASP A 185 14.76 10.47 7.20
CA ASP A 185 14.88 11.58 8.12
C ASP A 185 14.36 12.89 7.54
N ARG A 186 13.74 12.85 6.36
CA ARG A 186 13.19 14.06 5.76
C ARG A 186 11.69 13.94 5.55
N TYR A 187 10.96 13.52 6.59
CA TYR A 187 9.51 13.41 6.48
C TYR A 187 8.86 14.78 6.43
N GLN A 188 9.43 15.76 7.15
CA GLN A 188 8.85 17.10 7.18
C GLN A 188 8.77 17.72 5.79
N SER A 189 9.69 17.34 4.89
CA SER A 189 9.76 17.91 3.56
C SER A 189 9.23 16.94 2.50
N VAL A 190 8.12 16.26 2.81
CA VAL A 190 7.46 15.36 1.88
C VAL A 190 5.96 15.55 2.02
N GLN A 191 5.49 15.68 3.27
CA GLN A 191 4.06 15.72 3.56
C GLN A 191 3.46 17.08 3.24
N LYS A 192 3.71 17.58 2.03
CA LYS A 192 3.11 18.82 1.56
C LYS A 192 3.24 18.85 0.04
N LYS A 193 2.51 19.77 -0.57
CA LYS A 193 2.48 19.86 -2.03
C LYS A 193 3.75 20.49 -2.58
N PHE A 194 4.39 19.82 -3.54
CA PHE A 194 5.56 20.37 -4.21
C PHE A 194 5.07 21.14 -5.44
N VAL A 195 5.32 22.45 -5.46
CA VAL A 195 4.96 23.26 -6.62
C VAL A 195 6.20 23.72 -7.39
N ASN A 196 7.32 23.95 -6.72
CA ASN A 196 8.56 24.37 -7.34
C ASN A 196 9.53 23.19 -7.42
N ILE A 197 10.24 23.09 -8.54
CA ILE A 197 11.19 22.02 -8.77
C ILE A 197 12.30 22.04 -7.72
N ALA A 198 12.58 23.19 -7.14
CA ALA A 198 13.64 23.27 -6.13
C ALA A 198 13.29 22.48 -4.87
N ASP A 199 12.03 22.54 -4.43
CA ASP A 199 11.63 21.75 -3.27
C ASP A 199 11.64 20.26 -3.58
N PHE A 200 11.24 19.89 -4.81
CA PHE A 200 11.30 18.49 -5.20
C PHE A 200 12.74 17.97 -5.18
N ASN A 201 13.67 18.75 -5.73
CA ASN A 201 15.06 18.31 -5.79
C ASN A 201 15.65 18.15 -4.38
N HIS A 202 15.37 19.09 -3.49
CA HIS A 202 15.88 19.00 -2.13
C HIS A 202 15.37 17.74 -1.44
N CYS A 203 14.18 17.28 -1.83
CA CYS A 203 13.60 16.11 -1.19
C CYS A 203 14.16 14.80 -1.77
N TYR A 204 14.15 14.65 -3.10
CA TYR A 204 14.38 13.36 -3.72
C TYR A 204 15.72 13.21 -4.43
N MET A 205 16.47 14.28 -4.66
CA MET A 205 17.70 14.25 -5.44
C MET A 205 18.91 14.49 -4.55
N ARG A 206 19.96 13.69 -4.72
CA ARG A 206 21.24 13.90 -4.06
C ARG A 206 22.32 14.08 -5.12
N LYS A 207 22.86 15.29 -5.21
CA LYS A 207 24.00 15.57 -6.07
C LYS A 207 25.28 15.07 -5.43
N LYS A 208 26.34 14.95 -6.26
CA LYS A 208 27.63 14.52 -5.74
C LYS A 208 28.14 15.47 -4.67
N ARG A 209 27.89 16.78 -4.84
N ARG A 209 27.90 16.78 -4.85
CA ARG A 209 28.37 17.76 -3.88
CA ARG A 209 28.37 17.77 -3.88
C ARG A 209 27.65 17.70 -2.54
C ARG A 209 27.64 17.72 -2.55
N SER A 210 26.49 17.05 -2.48
CA SER A 210 25.74 16.89 -1.24
C SER A 210 26.20 15.69 -0.44
N LEU A 211 27.11 14.89 -0.98
CA LEU A 211 27.59 13.66 -0.37
C LEU A 211 29.13 13.68 -0.35
N LYS A 212 29.68 14.74 0.26
CA LYS A 212 31.13 14.88 0.36
C LYS A 212 31.63 14.00 1.49
N PHE A 213 31.67 12.70 1.19
CA PHE A 213 32.24 11.66 2.06
C PHE A 213 33.20 10.84 1.22
N SER A 214 34.22 10.28 1.88
N SER A 214 34.22 10.28 1.88
CA SER A 214 35.22 9.45 1.22
CA SER A 214 35.21 9.44 1.21
C SER A 214 34.94 7.96 1.39
C SER A 214 34.96 7.95 1.40
N GLN A 215 33.93 7.59 2.17
CA GLN A 215 33.58 6.19 2.39
C GLN A 215 32.08 6.02 2.25
N PHE A 216 31.67 5.01 1.49
CA PHE A 216 30.26 4.63 1.39
C PHE A 216 30.16 3.12 1.48
N GLN A 217 29.06 2.65 2.07
CA GLN A 217 28.67 1.24 2.00
C GLN A 217 27.36 1.15 1.24
N LEU A 218 27.32 0.27 0.25
CA LEU A 218 26.15 0.12 -0.61
C LEU A 218 25.64 -1.30 -0.55
N VAL A 219 24.34 -1.45 -0.31
CA VAL A 219 23.68 -2.75 -0.25
C VAL A 219 22.55 -2.76 -1.28
N HIS A 220 22.48 -3.83 -2.07
CA HIS A 220 21.32 -4.05 -2.92
C HIS A 220 21.13 -5.55 -3.09
N PHE A 221 20.03 -5.93 -3.71
CA PHE A 221 19.73 -7.33 -3.97
C PHE A 221 20.21 -7.71 -5.37
N LYS A 222 20.57 -8.99 -5.53
CA LYS A 222 21.15 -9.47 -6.78
C LYS A 222 20.05 -9.90 -7.75
N GLN A 223 20.46 -10.17 -8.99
CA GLN A 223 19.50 -10.55 -10.03
C GLN A 223 18.77 -11.84 -9.67
N ASN A 224 19.49 -12.83 -9.16
CA ASN A 224 18.86 -13.99 -8.53
C ASN A 224 18.55 -13.56 -7.11
N ILE A 225 17.30 -13.17 -6.86
CA ILE A 225 16.97 -12.41 -5.65
C ILE A 225 16.98 -13.29 -4.42
N PHE A 226 16.54 -14.54 -4.54
CA PHE A 226 16.31 -15.40 -3.39
C PHE A 226 17.26 -16.59 -3.40
N LEU A 227 17.72 -16.96 -2.21
CA LEU A 227 18.61 -18.10 -2.00
C LEU A 227 17.82 -19.32 -1.55
N ASN A 228 18.42 -20.50 -1.79
CA ASN A 228 17.88 -21.74 -1.23
C ASN A 228 18.41 -22.01 0.17
N ASP A 229 19.65 -21.60 0.45
CA ASP A 229 20.20 -21.63 1.80
C ASP A 229 21.32 -20.62 1.89
N PHE A 230 21.53 -20.07 3.09
CA PHE A 230 22.54 -19.05 3.31
C PHE A 230 23.81 -19.61 3.96
N SER A 231 24.03 -20.92 3.84
CA SER A 231 25.21 -21.52 4.47
C SER A 231 26.50 -20.97 3.88
N SER A 232 26.47 -20.50 2.64
CA SER A 232 27.64 -19.91 2.01
C SER A 232 27.74 -18.40 2.24
N LYS A 233 26.69 -17.78 2.78
CA LYS A 233 26.66 -16.34 2.97
C LYS A 233 26.80 -15.94 4.44
N LEU A 234 27.30 -16.85 5.29
CA LEU A 234 27.41 -16.55 6.70
C LEU A 234 28.40 -15.43 6.96
N GLU A 235 29.51 -15.40 6.22
CA GLU A 235 30.50 -14.35 6.36
C GLU A 235 30.10 -13.14 5.54
N VAL A 236 30.20 -11.95 6.13
CA VAL A 236 29.89 -10.71 5.44
C VAL A 236 31.07 -10.39 4.54
N ARG A 237 30.91 -10.64 3.23
CA ARG A 237 31.97 -10.42 2.25
C ARG A 237 31.52 -9.33 1.28
N SER A 238 32.13 -8.16 1.40
CA SER A 238 31.87 -7.06 0.48
C SER A 238 32.93 -7.02 -0.60
N THR A 239 32.55 -6.48 -1.76
CA THR A 239 33.51 -6.13 -2.79
C THR A 239 33.98 -4.70 -2.53
N ARG A 240 35.30 -4.52 -2.43
CA ARG A 240 35.87 -3.24 -2.06
C ARG A 240 36.36 -2.52 -3.31
N ILE A 241 35.85 -1.31 -3.52
CA ILE A 241 36.29 -0.40 -4.58
C ILE A 241 37.04 0.74 -3.92
N SER A 242 38.27 0.98 -4.36
CA SER A 242 39.15 1.90 -3.64
C SER A 242 40.21 2.46 -4.58
N ASP A 243 40.88 3.51 -4.10
CA ASP A 243 42.08 4.03 -4.75
C ASP A 243 43.33 3.75 -3.92
N PHE A 244 43.22 2.89 -2.92
CA PHE A 244 44.36 2.49 -2.10
C PHE A 244 44.11 1.12 -1.50
N MET B 1 -19.07 -16.27 -4.53
CA MET B 1 -18.99 -16.77 -3.15
C MET B 1 -20.13 -16.20 -2.31
N SER B 2 -21.05 -17.07 -1.91
CA SER B 2 -22.24 -16.69 -1.16
C SER B 2 -21.97 -16.67 0.34
N LYS B 3 -22.67 -15.78 1.04
CA LYS B 3 -22.60 -15.66 2.50
C LYS B 3 -21.16 -15.59 3.00
N CYS B 4 -20.46 -14.54 2.57
CA CYS B 4 -19.05 -14.39 2.94
C CYS B 4 -18.90 -14.12 4.43
N LEU B 5 -19.81 -13.34 5.02
CA LEU B 5 -19.65 -12.98 6.42
C LEU B 5 -19.81 -14.20 7.32
N GLN B 6 -20.71 -15.12 6.96
CA GLN B 6 -20.88 -16.34 7.74
C GLN B 6 -19.61 -17.18 7.70
N GLN B 7 -19.03 -17.35 6.51
CA GLN B 7 -17.82 -18.16 6.40
C GLN B 7 -16.62 -17.45 7.02
N LEU B 8 -16.57 -16.11 6.91
CA LEU B 8 -15.44 -15.36 7.46
C LEU B 8 -15.42 -15.43 8.98
N LYS B 9 -16.60 -15.39 9.61
CA LYS B 9 -16.67 -15.52 11.07
C LYS B 9 -16.12 -16.86 11.53
N ARG B 10 -16.39 -17.92 10.78
CA ARG B 10 -15.86 -19.23 11.13
C ARG B 10 -14.34 -19.28 10.98
N GLN B 11 -13.81 -18.68 9.89
N GLN B 11 -13.82 -18.69 9.89
CA GLN B 11 -12.37 -18.71 9.69
CA GLN B 11 -12.38 -18.70 9.68
C GLN B 11 -11.64 -17.80 10.67
C GLN B 11 -11.65 -17.81 10.67
N LEU B 12 -12.28 -16.71 11.09
CA LEU B 12 -11.67 -15.85 12.12
C LEU B 12 -11.56 -16.61 13.44
N GLN B 13 -12.60 -17.37 13.80
CA GLN B 13 -12.53 -18.20 15.00
C GLN B 13 -11.51 -19.31 14.83
N HIS B 14 -11.46 -19.93 13.64
CA HIS B 14 -10.52 -21.01 13.39
C HIS B 14 -9.07 -20.55 13.57
N PHE B 15 -8.73 -19.38 13.02
CA PHE B 15 -7.36 -18.86 13.13
C PHE B 15 -7.12 -18.08 14.41
N GLY B 16 -8.11 -17.96 15.28
CA GLY B 16 -7.92 -17.24 16.53
C GLY B 16 -7.69 -15.76 16.39
N ILE B 17 -8.31 -15.13 15.39
CA ILE B 17 -8.17 -13.70 15.16
C ILE B 17 -9.30 -12.98 15.89
N ASP B 18 -8.96 -12.32 17.00
CA ASP B 18 -9.94 -11.69 17.86
C ASP B 18 -10.12 -10.21 17.50
N GLY B 19 -11.16 -9.60 18.08
CA GLY B 19 -11.37 -8.18 17.95
C GLY B 19 -11.93 -7.71 16.63
N CYS B 20 -12.63 -8.56 15.90
CA CYS B 20 -13.22 -8.17 14.62
C CYS B 20 -14.67 -7.74 14.83
N SER B 21 -15.02 -6.60 14.25
CA SER B 21 -16.40 -6.14 14.19
C SER B 21 -16.75 -6.02 12.72
N LEU B 22 -17.73 -6.81 12.28
CA LEU B 22 -18.10 -6.90 10.87
C LEU B 22 -19.46 -6.24 10.63
N ALA B 23 -19.77 -6.03 9.36
CA ALA B 23 -21.09 -5.54 8.99
C ALA B 23 -22.16 -6.52 9.46
N ASP B 24 -23.37 -6.00 9.64
CA ASP B 24 -24.51 -6.84 9.95
C ASP B 24 -24.94 -7.63 8.72
N GLY B 25 -25.86 -8.58 8.93
CA GLY B 25 -26.40 -9.33 7.81
C GLY B 25 -25.34 -10.20 7.17
N ASP B 26 -25.37 -10.26 5.84
CA ASP B 26 -24.38 -11.03 5.09
C ASP B 26 -24.17 -10.36 3.75
N ILE B 27 -23.35 -10.98 2.90
CA ILE B 27 -22.93 -10.37 1.65
C ILE B 27 -22.39 -11.47 0.74
N ASP B 28 -22.52 -11.27 -0.57
CA ASP B 28 -21.91 -12.14 -1.56
C ASP B 28 -20.69 -11.46 -2.16
N TYR B 29 -19.71 -12.27 -2.55
CA TYR B 29 -18.48 -11.76 -3.15
C TYR B 29 -18.60 -11.78 -4.67
N PHE B 30 -18.30 -10.63 -5.29
CA PHE B 30 -18.22 -10.50 -6.73
C PHE B 30 -16.82 -10.04 -7.10
N PHE B 31 -16.32 -10.53 -8.24
CA PHE B 31 -14.94 -10.29 -8.63
C PHE B 31 -14.87 -10.00 -10.12
N THR B 32 -13.82 -9.29 -10.51
CA THR B 32 -13.56 -9.09 -11.93
C THR B 32 -12.87 -10.31 -12.51
N VAL B 33 -12.96 -10.45 -13.83
CA VAL B 33 -12.38 -11.58 -14.55
C VAL B 33 -11.35 -11.04 -15.52
N THR B 34 -10.13 -11.58 -15.43
CA THR B 34 -9.04 -11.07 -16.26
C THR B 34 -9.34 -11.30 -17.74
N GLY B 35 -9.12 -10.26 -18.53
CA GLY B 35 -9.48 -10.30 -19.93
C GLY B 35 -10.95 -10.14 -20.23
N ILE B 36 -11.74 -9.66 -19.27
CA ILE B 36 -13.16 -9.42 -19.48
C ILE B 36 -13.54 -8.06 -18.92
N ASP B 37 -13.49 -7.92 -17.59
CA ASP B 37 -13.76 -6.64 -16.93
C ASP B 37 -12.68 -6.27 -15.92
N ARG B 38 -11.55 -6.98 -15.91
CA ARG B 38 -10.44 -6.57 -15.07
C ARG B 38 -9.90 -5.22 -15.56
N GLY B 39 -9.58 -4.34 -14.61
CA GLY B 39 -9.07 -3.03 -14.94
C GLY B 39 -10.09 -1.93 -15.03
N TRP B 40 -11.39 -2.26 -15.03
CA TRP B 40 -12.43 -1.24 -15.02
C TRP B 40 -13.64 -1.71 -14.24
N GLY B 41 -13.71 -3.00 -13.94
CA GLY B 41 -14.89 -3.56 -13.33
C GLY B 41 -14.99 -3.45 -11.83
N CYS B 42 -13.93 -3.01 -11.15
CA CYS B 42 -13.91 -3.07 -9.68
C CYS B 42 -15.09 -2.32 -9.07
N GLY B 43 -15.34 -1.09 -9.53
CA GLY B 43 -16.45 -0.32 -8.98
C GLY B 43 -17.78 -1.00 -9.18
N TRP B 44 -18.00 -1.58 -10.36
CA TRP B 44 -19.26 -2.28 -10.64
C TRP B 44 -19.41 -3.51 -9.76
N ARG B 45 -18.33 -4.28 -9.58
CA ARG B 45 -18.40 -5.46 -8.73
C ARG B 45 -18.68 -5.06 -7.28
N ASN B 46 -18.15 -3.92 -6.85
CA ASN B 46 -18.41 -3.47 -5.48
C ASN B 46 -19.86 -3.06 -5.32
N ILE B 47 -20.47 -2.49 -6.36
CA ILE B 47 -21.90 -2.19 -6.31
C ILE B 47 -22.70 -3.48 -6.18
N GLN B 48 -22.31 -4.53 -6.90
CA GLN B 48 -23.00 -5.82 -6.78
C GLN B 48 -22.93 -6.35 -5.36
N MET B 49 -21.76 -6.25 -4.72
CA MET B 49 -21.65 -6.72 -3.34
C MET B 49 -22.56 -5.92 -2.42
N LEU B 50 -22.60 -4.60 -2.59
CA LEU B 50 -23.47 -3.77 -1.78
C LEU B 50 -24.94 -4.12 -2.00
N ILE B 51 -25.30 -4.43 -3.25
CA ILE B 51 -26.68 -4.83 -3.54
C ILE B 51 -27.01 -6.14 -2.83
N SER B 52 -26.09 -7.10 -2.83
CA SER B 52 -26.33 -8.37 -2.16
C SER B 52 -26.55 -8.16 -0.66
N TRP B 53 -25.82 -7.20 -0.07
CA TRP B 53 -26.03 -6.89 1.34
C TRP B 53 -27.44 -6.38 1.57
N LEU B 54 -27.91 -5.46 0.72
CA LEU B 54 -29.28 -4.99 0.82
C LEU B 54 -30.27 -6.13 0.61
N GLN B 55 -29.95 -7.08 -0.26
CA GLN B 55 -30.82 -8.23 -0.49
C GLN B 55 -30.97 -9.06 0.79
N TYR B 56 -29.86 -9.28 1.51
CA TYR B 56 -29.93 -10.04 2.75
C TYR B 56 -30.64 -9.29 3.86
N THR B 57 -30.55 -7.96 3.88
CA THR B 57 -31.08 -7.18 4.98
C THR B 57 -32.54 -6.78 4.78
N ASN B 58 -32.95 -6.50 3.54
N ASN B 58 -32.96 -6.57 3.54
CA ASN B 58 -34.35 -6.19 3.23
CA ASN B 58 -34.33 -6.18 3.21
C ASN B 58 -34.73 -6.91 1.95
C ASN B 58 -34.75 -6.89 1.95
N PRO B 59 -35.18 -8.16 2.06
CA PRO B 59 -35.60 -8.89 0.84
C PRO B 59 -36.78 -8.24 0.12
N ASN B 60 -37.67 -7.57 0.85
CA ASN B 60 -38.82 -6.92 0.22
C ASN B 60 -38.36 -5.78 -0.69
N TRP B 61 -37.44 -4.96 -0.21
CA TRP B 61 -36.86 -3.92 -1.06
C TRP B 61 -36.23 -4.52 -2.30
N PHE B 62 -35.54 -5.64 -2.16
CA PHE B 62 -34.88 -6.26 -3.31
C PHE B 62 -35.90 -6.76 -4.32
N LYS B 63 -36.95 -7.44 -3.85
CA LYS B 63 -38.01 -7.89 -4.75
C LYS B 63 -38.65 -6.71 -5.47
N ARG B 64 -38.81 -5.59 -4.78
CA ARG B 64 -39.49 -4.43 -5.36
C ARG B 64 -38.66 -3.78 -6.45
N ASN B 65 -37.33 -3.79 -6.32
CA ASN B 65 -36.46 -3.13 -7.28
C ASN B 65 -35.86 -4.07 -8.32
N PHE B 66 -35.66 -5.34 -7.98
CA PHE B 66 -35.06 -6.33 -8.87
C PHE B 66 -36.03 -7.49 -8.97
N SER B 67 -37.03 -7.33 -9.84
CA SER B 67 -38.11 -8.31 -9.91
C SER B 67 -37.63 -9.68 -10.36
N SER B 68 -36.57 -9.74 -11.15
CA SER B 68 -36.03 -11.00 -11.64
C SER B 68 -34.79 -11.46 -10.88
N GLY B 69 -34.42 -10.78 -9.80
CA GLY B 69 -33.21 -11.14 -9.09
C GLY B 69 -31.93 -10.92 -9.87
N ASN B 70 -31.98 -10.11 -10.93
CA ASN B 70 -30.88 -9.91 -11.84
C ASN B 70 -30.24 -8.55 -11.58
N TYR B 71 -29.02 -8.56 -11.06
CA TYR B 71 -28.19 -7.36 -11.01
C TYR B 71 -26.80 -7.63 -11.57
N GLU B 72 -26.76 -8.24 -12.76
CA GLU B 72 -25.52 -8.31 -13.53
C GLU B 72 -25.05 -6.91 -13.88
N ILE B 73 -23.78 -6.80 -14.27
CA ILE B 73 -23.18 -5.49 -14.55
C ILE B 73 -23.97 -4.75 -15.62
N ASN B 74 -24.42 -5.47 -16.65
N ASN B 74 -24.41 -5.47 -16.65
CA ASN B 74 -25.18 -4.82 -17.71
CA ASN B 74 -25.19 -4.85 -17.71
C ASN B 74 -26.47 -4.18 -17.18
C ASN B 74 -26.44 -4.17 -17.16
N SER B 75 -27.09 -4.80 -16.19
CA SER B 75 -28.27 -4.19 -15.58
C SER B 75 -27.90 -2.97 -14.75
N LEU B 76 -26.73 -2.97 -14.12
CA LEU B 76 -26.32 -1.81 -13.33
C LEU B 76 -26.10 -0.61 -14.22
N GLN B 77 -25.72 -0.83 -15.48
CA GLN B 77 -25.59 0.28 -16.43
C GLN B 77 -26.92 1.00 -16.58
N SER B 78 -28.01 0.25 -16.67
CA SER B 78 -29.33 0.85 -16.76
C SER B 78 -29.66 1.66 -15.51
N LEU B 79 -29.31 1.15 -14.33
CA LEU B 79 -29.62 1.85 -13.10
C LEU B 79 -28.81 3.14 -12.98
N LEU B 80 -27.54 3.11 -13.42
CA LEU B 80 -26.73 4.32 -13.35
C LEU B 80 -27.25 5.38 -14.31
N LEU B 81 -27.52 4.99 -15.56
CA LEU B 81 -28.06 5.94 -16.52
C LEU B 81 -29.42 6.48 -16.06
N SER B 82 -30.27 5.59 -15.51
CA SER B 82 -31.57 6.02 -15.01
C SER B 82 -31.43 7.09 -13.95
N ALA B 83 -30.47 6.93 -13.04
CA ALA B 83 -30.27 7.92 -11.99
C ALA B 83 -29.82 9.26 -12.58
N TRP B 84 -28.91 9.22 -13.55
CA TRP B 84 -28.51 10.44 -14.24
C TRP B 84 -29.70 11.11 -14.92
N MET B 85 -30.53 10.32 -15.61
CA MET B 85 -31.69 10.88 -16.30
C MET B 85 -32.69 11.49 -15.34
N LYS B 86 -32.73 11.01 -14.10
CA LYS B 86 -33.62 11.55 -13.08
C LYS B 86 -33.02 12.75 -12.36
N GLY B 87 -31.90 13.29 -12.85
CA GLY B 87 -31.32 14.49 -12.29
C GLY B 87 -30.35 14.28 -11.16
N ILE B 88 -30.03 13.04 -10.80
CA ILE B 88 -29.06 12.78 -9.75
C ILE B 88 -27.66 13.02 -10.30
N ASP B 89 -26.81 13.64 -9.48
CA ASP B 89 -25.48 14.10 -9.87
C ASP B 89 -25.59 15.19 -10.94
N ALA B 90 -25.47 16.44 -10.50
CA ALA B 90 -25.58 17.57 -11.42
C ALA B 90 -24.66 17.43 -12.62
N GLU B 91 -23.44 16.93 -12.39
CA GLU B 91 -22.45 16.75 -13.45
C GLU B 91 -22.58 15.41 -14.15
N GLY B 92 -23.67 14.67 -13.92
CA GLY B 92 -23.84 13.38 -14.56
C GLY B 92 -24.02 13.47 -16.07
N TYR B 93 -24.51 14.62 -16.56
CA TYR B 93 -24.67 14.83 -17.99
C TYR B 93 -23.33 14.76 -18.74
N ALA B 94 -22.22 15.00 -18.04
CA ALA B 94 -20.90 14.93 -18.66
C ALA B 94 -20.51 13.52 -19.05
N GLN B 95 -21.22 12.51 -18.55
CA GLN B 95 -20.96 11.11 -18.90
C GLN B 95 -22.05 10.53 -19.78
N LEU B 96 -23.09 11.30 -20.09
CA LEU B 96 -24.07 10.88 -21.09
C LEU B 96 -23.41 10.83 -22.46
N GLY B 97 -23.66 9.74 -23.18
CA GLY B 97 -23.04 9.53 -24.48
C GLY B 97 -21.86 8.59 -24.46
N ASP B 98 -21.33 8.26 -23.28
CA ASP B 98 -20.22 7.32 -23.18
C ASP B 98 -20.73 5.89 -23.29
N ASN B 99 -19.81 4.97 -23.61
CA ASN B 99 -20.08 3.56 -23.40
C ASN B 99 -20.02 3.26 -21.91
N LEU B 100 -21.10 2.72 -21.37
CA LEU B 100 -21.07 2.35 -19.96
C LEU B 100 -20.35 1.03 -19.73
N HIS B 101 -20.25 0.18 -20.75
CA HIS B 101 -19.43 -1.01 -20.65
C HIS B 101 -17.97 -0.62 -20.85
N GLY B 102 -17.11 -1.10 -19.96
CA GLY B 102 -15.71 -0.70 -19.97
C GLY B 102 -15.43 0.60 -19.26
N LYS B 103 -16.45 1.25 -18.70
CA LYS B 103 -16.30 2.54 -18.04
C LYS B 103 -15.92 2.34 -16.59
N TRP B 104 -14.77 2.90 -16.20
CA TRP B 104 -14.40 2.90 -14.79
C TRP B 104 -15.29 3.89 -14.03
N ILE B 105 -15.77 3.47 -12.86
CA ILE B 105 -16.67 4.31 -12.09
C ILE B 105 -16.11 4.49 -10.68
N GLY B 106 -16.60 5.52 -10.00
CA GLY B 106 -16.11 5.86 -8.67
C GLY B 106 -17.22 6.09 -7.68
N ALA B 107 -16.88 6.72 -6.55
CA ALA B 107 -17.82 6.87 -5.45
C ALA B 107 -19.05 7.70 -5.85
N THR B 108 -18.86 8.66 -6.76
CA THR B 108 -19.98 9.47 -7.21
C THR B 108 -21.02 8.63 -7.94
N GLU B 109 -20.57 7.67 -8.76
CA GLU B 109 -21.50 6.79 -9.44
C GLU B 109 -22.17 5.83 -8.47
N VAL B 110 -21.43 5.36 -7.46
CA VAL B 110 -22.02 4.53 -6.41
C VAL B 110 -23.14 5.29 -5.72
N TYR B 111 -22.87 6.55 -5.36
CA TYR B 111 -23.90 7.38 -4.73
C TYR B 111 -25.10 7.56 -5.65
N SER B 112 -24.85 7.89 -6.92
CA SER B 112 -25.94 8.19 -7.84
C SER B 112 -26.83 6.96 -8.04
N LEU B 113 -26.22 5.80 -8.26
CA LEU B 113 -27.00 4.59 -8.54
C LEU B 113 -27.87 4.23 -7.34
N PHE B 114 -27.29 4.21 -6.15
CA PHE B 114 -28.07 3.81 -4.97
C PHE B 114 -29.07 4.87 -4.56
N THR B 115 -28.76 6.16 -4.78
CA THR B 115 -29.74 7.20 -4.53
C THR B 115 -30.97 7.01 -5.41
N GLY B 116 -30.76 6.63 -6.68
CA GLY B 116 -31.86 6.32 -7.56
C GLY B 116 -32.67 5.12 -7.15
N LEU B 117 -32.10 4.22 -6.35
CA LEU B 117 -32.83 3.10 -5.77
C LEU B 117 -33.46 3.46 -4.43
N PHE B 118 -33.51 4.74 -4.09
CA PHE B 118 -34.10 5.23 -2.84
C PHE B 118 -33.36 4.68 -1.63
N VAL B 119 -32.03 4.58 -1.74
CA VAL B 119 -31.16 4.20 -0.64
C VAL B 119 -30.48 5.45 -0.12
N ASN B 120 -30.42 5.59 1.21
CA ASN B 120 -29.87 6.77 1.87
C ASN B 120 -28.36 6.57 2.03
N VAL B 121 -27.59 7.27 1.22
CA VAL B 121 -26.16 7.01 1.05
C VAL B 121 -25.35 8.08 1.75
N ALA B 122 -24.33 7.65 2.48
CA ALA B 122 -23.35 8.56 3.08
C ALA B 122 -22.08 8.53 2.24
N LEU B 123 -21.54 9.71 1.95
CA LEU B 123 -20.31 9.84 1.16
C LEU B 123 -19.34 10.70 1.95
N VAL B 124 -18.15 10.16 2.20
CA VAL B 124 -17.13 10.84 2.99
C VAL B 124 -15.89 10.99 2.12
N ASP B 125 -15.38 12.21 2.04
CA ASP B 125 -14.23 12.55 1.22
C ASP B 125 -13.05 12.85 2.14
N PHE B 126 -12.04 11.98 2.09
CA PHE B 126 -10.79 12.20 2.82
C PHE B 126 -9.79 12.82 1.84
N ASP B 127 -9.37 14.05 2.14
CA ASP B 127 -8.59 14.85 1.19
C ASP B 127 -7.44 15.47 1.96
N PHE B 128 -6.26 14.85 1.87
CA PHE B 128 -5.14 15.23 2.73
C PHE B 128 -3.89 15.55 1.93
N ARG B 129 -3.04 16.40 2.53
CA ARG B 129 -1.67 16.52 2.05
C ARG B 129 -0.78 15.43 2.65
N SER B 130 -1.02 15.08 3.91
CA SER B 130 -0.24 14.06 4.58
C SER B 130 -0.93 12.70 4.40
N GLU B 131 -0.19 11.73 3.86
CA GLU B 131 -0.73 10.38 3.71
C GLU B 131 -0.90 9.72 5.07
N ALA B 132 0.02 9.98 6.01
CA ALA B 132 -0.11 9.40 7.35
C ALA B 132 -1.36 9.91 8.04
N SER B 133 -1.65 11.20 7.94
CA SER B 133 -2.85 11.75 8.56
C SER B 133 -4.11 11.16 7.93
N ALA B 134 -4.11 11.01 6.60
CA ALA B 134 -5.29 10.48 5.91
C ALA B 134 -5.59 9.06 6.37
N SER B 135 -4.57 8.21 6.41
CA SER B 135 -4.80 6.83 6.83
C SER B 135 -5.22 6.75 8.30
N ASN B 136 -4.70 7.64 9.14
CA ASN B 136 -5.14 7.69 10.53
C ASN B 136 -6.62 8.06 10.62
N ALA B 137 -7.02 9.12 9.92
CA ALA B 137 -8.42 9.55 9.94
C ALA B 137 -9.32 8.48 9.35
N LEU B 138 -8.88 7.83 8.27
CA LEU B 138 -9.69 6.79 7.65
C LEU B 138 -9.90 5.62 8.60
N PHE B 139 -8.81 5.10 9.18
CA PHE B 139 -8.93 3.93 10.04
C PHE B 139 -9.78 4.22 11.27
N LEU B 140 -9.66 5.44 11.81
CA LEU B 140 -10.46 5.77 12.99
C LEU B 140 -11.94 5.82 12.66
N TYR B 141 -12.30 6.45 11.54
CA TYR B 141 -13.71 6.51 11.16
C TYR B 141 -14.27 5.11 10.88
N VAL B 142 -13.50 4.29 10.17
CA VAL B 142 -13.97 2.94 9.84
C VAL B 142 -14.09 2.10 11.10
N LYS B 143 -13.12 2.18 12.01
CA LYS B 143 -13.20 1.45 13.27
C LYS B 143 -14.48 1.81 14.01
N LYS B 144 -14.78 3.11 14.11
CA LYS B 144 -15.98 3.53 14.82
C LYS B 144 -17.25 3.13 14.06
N HIS B 145 -17.17 3.04 12.74
CA HIS B 145 -18.34 2.67 11.96
C HIS B 145 -18.80 1.24 12.28
N PHE B 146 -17.86 0.31 12.41
CA PHE B 146 -18.21 -1.09 12.62
C PHE B 146 -18.34 -1.47 14.08
N GLU B 147 -17.80 -0.68 15.00
CA GLU B 147 -17.99 -0.97 16.42
C GLU B 147 -19.44 -0.72 16.81
N SER B 148 -20.06 -1.71 17.47
CA SER B 148 -21.47 -1.64 17.82
C SER B 148 -21.73 -2.55 19.00
N SER B 149 -22.32 -1.99 20.06
CA SER B 149 -22.65 -2.76 21.25
C SER B 149 -24.07 -3.32 21.23
N ASN B 150 -25.00 -2.64 20.57
CA ASN B 150 -26.39 -3.08 20.53
C ASN B 150 -26.64 -4.01 19.35
N ASP B 151 -27.68 -4.83 19.47
CA ASP B 151 -28.05 -5.76 18.42
C ASP B 151 -28.75 -5.00 17.31
N THR B 152 -28.09 -4.89 16.16
CA THR B 152 -28.59 -4.11 15.04
C THR B 152 -28.53 -4.95 13.76
N SER B 153 -29.13 -4.40 12.71
CA SER B 153 -29.05 -5.01 11.37
C SER B 153 -28.80 -3.95 10.30
N ASN B 154 -28.24 -2.80 10.68
CA ASN B 154 -28.08 -1.67 9.77
C ASN B 154 -26.63 -1.19 9.68
N VAL B 155 -25.67 -1.90 10.26
CA VAL B 155 -24.26 -1.57 10.05
C VAL B 155 -23.85 -2.12 8.69
N SER B 156 -23.65 -1.24 7.72
CA SER B 156 -23.45 -1.65 6.35
C SER B 156 -21.97 -1.80 6.03
N PRO B 157 -21.64 -2.52 4.96
CA PRO B 157 -20.27 -2.47 4.44
C PRO B 157 -19.97 -1.08 3.91
N CYS B 158 -18.69 -0.85 3.61
CA CYS B 158 -18.24 0.41 3.05
C CYS B 158 -17.63 0.16 1.69
N TYR B 159 -17.83 1.12 0.79
CA TYR B 159 -17.12 1.20 -0.47
C TYR B 159 -15.95 2.15 -0.27
N LEU B 160 -14.73 1.68 -0.52
CA LEU B 160 -13.52 2.48 -0.33
C LEU B 160 -12.82 2.66 -1.66
N GLN B 161 -12.65 3.90 -2.09
N GLN B 161 -12.65 3.90 -2.08
CA GLN B 161 -12.01 4.24 -3.36
CA GLN B 161 -12.01 4.24 -3.34
C GLN B 161 -10.69 4.95 -3.10
C GLN B 161 -10.68 4.94 -3.08
N PHE B 162 -9.64 4.51 -3.78
CA PHE B 162 -8.32 5.11 -3.64
C PHE B 162 -7.49 4.74 -4.86
N GLN B 163 -6.67 5.69 -5.31
CA GLN B 163 -5.68 5.45 -6.36
C GLN B 163 -6.31 4.80 -7.59
N GLY B 164 -7.51 5.24 -7.93
CA GLY B 164 -8.16 4.81 -9.16
C GLY B 164 -8.95 3.51 -9.12
N HIS B 165 -8.96 2.80 -8.00
N HIS B 165 -8.96 2.80 -8.00
CA HIS B 165 -9.73 1.57 -7.88
CA HIS B 165 -9.73 1.58 -7.88
C HIS B 165 -10.42 1.54 -6.52
C HIS B 165 -10.41 1.54 -6.52
N SER B 166 -11.10 0.43 -6.23
CA SER B 166 -11.97 0.38 -5.07
C SER B 166 -12.11 -1.04 -4.54
N ILE B 167 -12.44 -1.13 -3.24
CA ILE B 167 -12.67 -2.39 -2.56
C ILE B 167 -13.88 -2.20 -1.63
N ILE B 168 -14.38 -3.32 -1.12
CA ILE B 168 -15.44 -3.31 -0.12
C ILE B 168 -14.83 -3.56 1.25
N ILE B 169 -15.16 -2.72 2.23
CA ILE B 169 -14.77 -2.93 3.62
C ILE B 169 -15.93 -3.62 4.33
N ILE B 170 -15.69 -4.81 4.88
CA ILE B 170 -16.72 -5.55 5.60
C ILE B 170 -16.50 -5.55 7.11
N GLY B 171 -15.43 -4.94 7.59
CA GLY B 171 -15.22 -4.91 9.03
C GLY B 171 -13.90 -4.29 9.41
N PHE B 172 -13.64 -4.29 10.72
CA PHE B 172 -12.41 -3.78 11.29
C PHE B 172 -11.90 -4.77 12.33
N CYS B 173 -10.60 -5.05 12.28
CA CYS B 173 -9.97 -5.99 13.21
C CYS B 173 -9.01 -5.21 14.12
N SER B 174 -9.34 -5.14 15.40
CA SER B 174 -8.53 -4.36 16.33
C SER B 174 -7.29 -5.11 16.83
N SER B 175 -7.29 -6.45 16.76
CA SER B 175 -6.10 -7.17 17.19
C SER B 175 -4.96 -7.03 16.18
N LEU B 176 -5.28 -6.88 14.91
CA LEU B 176 -4.29 -6.69 13.86
C LEU B 176 -4.19 -5.24 13.39
N GLU B 177 -5.11 -4.38 13.82
CA GLU B 177 -5.22 -3.02 13.31
C GLU B 177 -5.36 -3.01 11.79
N THR B 178 -6.31 -3.81 11.29
CA THR B 178 -6.52 -3.97 9.87
C THR B 178 -7.97 -3.74 9.48
N LEU B 179 -8.16 -3.26 8.26
CA LEU B 179 -9.47 -3.32 7.62
C LEU B 179 -9.71 -4.74 7.15
N VAL B 180 -10.93 -5.22 7.31
CA VAL B 180 -11.36 -6.50 6.74
C VAL B 180 -12.08 -6.18 5.42
N VAL B 181 -11.54 -6.68 4.31
CA VAL B 181 -11.95 -6.19 2.99
C VAL B 181 -12.30 -7.35 2.07
N LEU B 182 -13.13 -7.03 1.07
CA LEU B 182 -13.41 -7.89 -0.07
C LEU B 182 -12.93 -7.15 -1.32
N ASP B 183 -11.84 -7.62 -1.91
CA ASP B 183 -11.22 -6.96 -3.05
C ASP B 183 -11.64 -7.67 -4.33
N PRO B 184 -12.39 -7.02 -5.23
CA PRO B 184 -12.86 -7.70 -6.45
C PRO B 184 -11.75 -8.01 -7.44
N ASP B 185 -10.57 -7.42 -7.29
CA ASP B 185 -9.44 -7.68 -8.18
C ASP B 185 -8.53 -8.80 -7.69
N ARG B 186 -8.90 -9.48 -6.61
CA ARG B 186 -8.10 -10.58 -6.09
C ARG B 186 -8.87 -11.89 -6.07
N TYR B 187 -9.46 -12.27 -7.21
CA TYR B 187 -10.20 -13.53 -7.27
C TYR B 187 -9.27 -14.73 -7.15
N GLN B 188 -8.06 -14.63 -7.70
CA GLN B 188 -7.13 -15.77 -7.67
C GLN B 188 -6.83 -16.23 -6.24
N SER B 189 -6.86 -15.31 -5.28
CA SER B 189 -6.51 -15.61 -3.90
C SER B 189 -7.73 -15.62 -2.96
N VAL B 190 -8.85 -16.18 -3.41
CA VAL B 190 -10.02 -16.31 -2.53
C VAL B 190 -10.77 -17.61 -2.82
N GLN B 191 -10.87 -17.96 -4.11
CA GLN B 191 -11.71 -19.03 -4.66
C GLN B 191 -11.96 -20.29 -3.84
N LYS B 192 -11.38 -20.43 -2.66
CA LYS B 192 -11.64 -21.61 -1.84
C LYS B 192 -11.23 -21.34 -0.40
N LYS B 193 -11.54 -22.30 0.47
CA LYS B 193 -11.31 -22.15 1.90
C LYS B 193 -9.82 -22.13 2.21
N PHE B 194 -9.40 -21.18 3.03
CA PHE B 194 -8.00 -20.98 3.37
C PHE B 194 -7.57 -21.90 4.50
N VAL B 195 -6.47 -22.62 4.27
CA VAL B 195 -5.90 -23.52 5.26
C VAL B 195 -4.72 -22.85 5.94
N ASN B 196 -4.07 -21.91 5.25
CA ASN B 196 -2.94 -21.17 5.81
C ASN B 196 -3.42 -19.79 6.25
N ILE B 197 -3.06 -19.41 7.48
CA ILE B 197 -3.48 -18.11 8.00
C ILE B 197 -2.83 -16.98 7.21
N ALA B 198 -1.64 -17.21 6.65
CA ALA B 198 -0.98 -16.17 5.87
C ALA B 198 -1.77 -15.85 4.61
N ASP B 199 -2.32 -16.87 3.96
CA ASP B 199 -3.15 -16.64 2.78
C ASP B 199 -4.45 -15.94 3.16
N PHE B 200 -5.01 -16.31 4.31
CA PHE B 200 -6.20 -15.63 4.80
C PHE B 200 -5.94 -14.15 5.04
N ASN B 201 -4.83 -13.83 5.71
CA ASN B 201 -4.51 -12.43 5.98
C ASN B 201 -4.25 -11.66 4.70
N HIS B 202 -3.46 -12.25 3.78
CA HIS B 202 -3.14 -11.56 2.55
C HIS B 202 -4.40 -11.23 1.75
N CYS B 203 -5.43 -12.07 1.88
CA CYS B 203 -6.66 -11.86 1.12
C CYS B 203 -7.56 -10.81 1.76
N TYR B 204 -7.81 -10.92 3.06
CA TYR B 204 -8.89 -10.16 3.69
C TYR B 204 -8.42 -8.99 4.55
N MET B 205 -7.15 -8.91 4.90
CA MET B 205 -6.68 -7.90 5.86
C MET B 205 -5.84 -6.85 5.15
N ARG B 206 -6.12 -5.57 5.43
CA ARG B 206 -5.33 -4.44 4.94
C ARG B 206 -4.76 -3.69 6.13
N LYS B 207 -3.44 -3.69 6.26
CA LYS B 207 -2.79 -2.90 7.29
C LYS B 207 -2.79 -1.43 6.89
N LYS B 208 -2.59 -0.56 7.89
CA LYS B 208 -2.54 0.87 7.62
C LYS B 208 -1.39 1.22 6.68
N ARG B 209 -0.26 0.52 6.80
CA ARG B 209 0.88 0.78 5.94
C ARG B 209 0.58 0.51 4.47
N SER B 210 -0.43 -0.29 4.18
CA SER B 210 -0.81 -0.55 2.79
C SER B 210 -1.75 0.49 2.21
N LEU B 211 -2.24 1.42 3.03
CA LEU B 211 -3.17 2.44 2.58
C LEU B 211 -2.71 3.82 2.98
N LYS B 212 -1.42 4.09 2.77
CA LYS B 212 -0.84 5.42 3.01
C LYS B 212 -1.03 6.23 1.74
N PHE B 213 -2.27 6.69 1.53
CA PHE B 213 -2.60 7.53 0.38
C PHE B 213 -3.27 8.80 0.86
N SER B 214 -3.16 9.85 0.04
CA SER B 214 -3.62 11.17 0.44
C SER B 214 -5.09 11.41 0.18
N GLN B 215 -5.76 10.57 -0.63
CA GLN B 215 -7.17 10.77 -0.93
C GLN B 215 -7.91 9.45 -0.88
N PHE B 216 -9.05 9.46 -0.19
CA PHE B 216 -9.99 8.35 -0.18
C PHE B 216 -11.40 8.89 -0.37
N GLN B 217 -12.25 8.13 -1.03
CA GLN B 217 -13.69 8.33 -0.99
C GLN B 217 -14.32 7.10 -0.36
N LEU B 218 -15.18 7.33 0.63
CA LEU B 218 -15.82 6.27 1.39
C LEU B 218 -17.32 6.41 1.25
N VAL B 219 -17.98 5.32 0.88
CA VAL B 219 -19.44 5.29 0.75
C VAL B 219 -19.96 4.18 1.66
N HIS B 220 -20.98 4.51 2.44
CA HIS B 220 -21.72 3.49 3.18
C HIS B 220 -23.16 3.97 3.29
N PHE B 221 -24.01 3.08 3.78
CA PHE B 221 -25.42 3.39 3.96
C PHE B 221 -25.67 3.90 5.38
N LYS B 222 -26.68 4.74 5.52
CA LYS B 222 -26.96 5.37 6.80
C LYS B 222 -27.86 4.47 7.65
N GLN B 223 -28.00 4.85 8.93
CA GLN B 223 -28.81 4.05 9.85
C GLN B 223 -30.24 3.94 9.37
N ASN B 224 -30.82 5.05 8.92
CA ASN B 224 -32.09 5.02 8.19
C ASN B 224 -31.75 4.72 6.73
N ILE B 225 -31.91 3.46 6.34
CA ILE B 225 -31.28 2.98 5.11
C ILE B 225 -32.02 3.48 3.86
N PHE B 226 -33.34 3.60 3.93
CA PHE B 226 -34.14 3.87 2.74
C PHE B 226 -34.83 5.22 2.83
N LEU B 227 -34.89 5.90 1.69
CA LEU B 227 -35.54 7.19 1.55
C LEU B 227 -36.94 7.01 0.98
N ASN B 228 -37.79 8.00 1.23
CA ASN B 228 -39.10 8.06 0.58
C ASN B 228 -39.04 8.74 -0.79
N ASP B 229 -38.15 9.71 -0.95
CA ASP B 229 -37.87 10.30 -2.25
C ASP B 229 -36.47 10.92 -2.19
N PHE B 230 -35.82 10.98 -3.36
CA PHE B 230 -34.48 11.52 -3.46
C PHE B 230 -34.46 12.94 -3.98
N SER B 231 -35.58 13.66 -3.89
CA SER B 231 -35.63 15.02 -4.42
C SER B 231 -34.65 15.94 -3.73
N SER B 232 -34.30 15.65 -2.47
CA SER B 232 -33.32 16.42 -1.74
C SER B 232 -31.88 15.91 -1.93
N LYS B 233 -31.72 14.73 -2.52
CA LYS B 233 -30.40 14.12 -2.68
C LYS B 233 -29.88 14.20 -4.11
N LEU B 234 -30.45 15.07 -4.94
CA LEU B 234 -30.02 15.16 -6.34
C LEU B 234 -28.57 15.61 -6.45
N GLU B 235 -28.16 16.56 -5.60
CA GLU B 235 -26.78 17.03 -5.60
C GLU B 235 -25.92 16.10 -4.75
N VAL B 236 -24.76 15.72 -5.28
CA VAL B 236 -23.82 14.85 -4.58
C VAL B 236 -23.10 15.71 -3.55
N ARG B 237 -23.47 15.57 -2.28
CA ARG B 237 -22.85 16.34 -1.20
C ARG B 237 -22.14 15.38 -0.26
N SER B 238 -20.81 15.42 -0.29
CA SER B 238 -19.96 14.64 0.60
C SER B 238 -19.54 15.48 1.79
N THR B 239 -19.26 14.80 2.90
CA THR B 239 -18.59 15.43 4.03
C THR B 239 -17.09 15.29 3.84
N ARG B 240 -16.37 16.41 3.87
CA ARG B 240 -14.95 16.43 3.58
C ARG B 240 -14.16 16.46 4.88
N ILE B 241 -13.29 15.48 5.07
CA ILE B 241 -12.34 15.43 6.17
C ILE B 241 -10.95 15.69 5.60
N SER B 242 -10.24 16.66 6.16
CA SER B 242 -9.00 17.11 5.53
C SER B 242 -8.09 17.75 6.56
N ASP B 243 -6.82 17.93 6.15
CA ASP B 243 -5.85 18.70 6.90
C ASP B 243 -5.51 20.02 6.21
N PHE B 244 -6.29 20.42 5.21
CA PHE B 244 -6.09 21.69 4.53
C PHE B 244 -7.40 22.18 3.93
#